data_1XR6
#
_entry.id   1XR6
#
_cell.length_a   88.395
_cell.length_b   88.395
_cell.length_c   186.198
_cell.angle_alpha   90.00
_cell.angle_beta   90.00
_cell.angle_gamma   120.00
#
_symmetry.space_group_name_H-M   'P 32 2 1'
#
loop_
_entity.id
_entity.type
_entity.pdbx_description
1 polymer 'Genome polyprotein'
2 non-polymer 'POTASSIUM ION'
3 water water
#
_entity_poly.entity_id   1
_entity_poly.type   'polypeptide(L)'
_entity_poly.pdbx_seq_one_letter_code
;GQIKISKHANECGLPTIHTPSKTKLQPSVFYDVFPGSKEPAVLTDNDPRLKVNFKEALFSKYKGNTECSLNQHMEIAIAH
YSAQLITLDIDSKPIALEDSVFGIEGLEALDLNTSAGFPYVTMGIKKRDLINNKTKDISRLKEALDKYGVDLPMITFLKD
ELRKKEKISAGKTRVIEASSINDTILFRTTFGNLFSKFHLNPGVVTGSAVGCDPETFWSKIPVMLDGDCIMAFDYTNYDG
SIHPVWFQALKKVLENLSFQSNLIDRLCYSKHLFKSTYYEVAGGVPSGCSGTSIFNTMINNIIIRTLVLDAYKNIDLDKL
KIIAYGDDVIFSYKYTLDMEAIANEGKKYGLTITPADKSTEFKKLDYNNVTFLKRGFKQDEKHTFLIHPTFPVEEIYESI
RWTKKPSQMQEHVLSLCHLMWHNGRKVYEDFSSKIRSVSAGRALYIPPYDLLKHEWYEKF
;
_entity_poly.pdbx_strand_id   A
#
# COMPACT_ATOMS: atom_id res chain seq x y z
N GLY A 1 14.76 6.44 -7.22
CA GLY A 1 15.40 6.88 -5.94
C GLY A 1 16.92 6.73 -5.98
N GLN A 2 17.61 7.66 -5.33
CA GLN A 2 19.06 7.77 -5.42
C GLN A 2 19.63 8.07 -4.04
N ILE A 3 20.47 7.17 -3.53
CA ILE A 3 21.16 7.40 -2.27
C ILE A 3 22.19 8.48 -2.53
N LYS A 4 22.02 9.62 -1.87
CA LYS A 4 22.96 10.74 -2.03
C LYS A 4 24.01 10.75 -0.90
N ILE A 5 23.60 10.30 0.29
CA ILE A 5 24.45 10.26 1.47
C ILE A 5 24.37 8.88 2.14
N SER A 6 25.52 8.29 2.47
CA SER A 6 25.57 7.04 3.22
C SER A 6 26.78 7.02 4.16
N LYS A 7 26.52 7.16 5.46
CA LYS A 7 27.58 7.26 6.47
C LYS A 7 27.27 6.48 7.74
N HIS A 8 28.28 6.28 8.60
CA HIS A 8 28.05 5.68 9.92
C HIS A 8 27.12 6.57 10.74
N ALA A 9 26.18 5.94 11.44
CA ALA A 9 25.16 6.68 12.22
C ALA A 9 25.76 7.56 13.30
N ASN A 10 26.74 7.04 14.02
CA ASN A 10 27.46 7.78 15.08
C ASN A 10 28.17 9.06 14.60
N GLU A 11 28.45 9.12 13.30
CA GLU A 11 29.07 10.27 12.67
C GLU A 11 28.05 11.36 12.31
N CYS A 12 26.76 11.01 12.40
CA CYS A 12 25.65 11.91 12.08
C CYS A 12 24.69 12.08 13.27
N GLY A 13 25.21 11.94 14.48
CA GLY A 13 24.47 12.21 15.69
C GLY A 13 23.41 11.20 16.07
N LEU A 14 23.61 9.94 15.68
CA LEU A 14 22.57 8.92 15.82
C LEU A 14 23.13 7.58 16.34
N PRO A 15 22.31 6.84 17.08
CA PRO A 15 22.68 5.50 17.57
C PRO A 15 22.59 4.44 16.51
N THR A 16 23.32 3.35 16.72
CA THR A 16 23.09 2.13 15.94
C THR A 16 21.75 1.51 16.37
N ILE A 17 20.93 1.13 15.39
CA ILE A 17 19.67 0.43 15.63
C ILE A 17 19.88 -1.08 15.53
N HIS A 18 19.13 -1.84 16.32
CA HIS A 18 19.27 -3.30 16.37
C HIS A 18 18.09 -3.99 15.69
N THR A 19 18.37 -4.64 14.57
CA THR A 19 17.34 -5.30 13.76
C THR A 19 17.10 -6.75 14.25
N PRO A 20 15.83 -7.15 14.41
CA PRO A 20 15.52 -8.56 14.66
C PRO A 20 15.86 -9.35 13.41
N SER A 21 16.72 -10.34 13.54
CA SER A 21 17.21 -11.09 12.39
C SER A 21 16.62 -12.50 12.34
N LYS A 22 15.54 -12.72 13.08
CA LYS A 22 14.97 -14.05 13.24
C LYS A 22 13.47 -14.00 13.00
N THR A 23 13.01 -14.79 12.03
CA THR A 23 11.60 -14.84 11.67
C THR A 23 10.76 -15.42 12.81
N LYS A 24 9.55 -14.90 12.97
CA LYS A 24 8.56 -15.49 13.87
C LYS A 24 7.69 -16.53 13.16
N LEU A 25 7.81 -16.61 11.83
CA LEU A 25 7.05 -17.56 11.03
C LEU A 25 7.52 -19.00 11.24
N GLN A 26 6.55 -19.88 11.49
CA GLN A 26 6.79 -21.29 11.81
C GLN A 26 5.73 -22.13 11.08
N PRO A 27 6.11 -23.31 10.56
CA PRO A 27 5.12 -24.21 9.96
C PRO A 27 3.91 -24.39 10.88
N SER A 28 2.73 -24.20 10.32
CA SER A 28 1.49 -24.34 11.07
C SER A 28 1.05 -25.80 11.05
N VAL A 29 -0.01 -26.07 11.80
CA VAL A 29 -0.62 -27.40 11.82
C VAL A 29 -1.26 -27.80 10.47
N PHE A 30 -1.40 -26.86 9.53
CA PHE A 30 -1.90 -27.15 8.19
C PHE A 30 -0.81 -27.23 7.12
N TYR A 31 0.46 -27.13 7.53
CA TYR A 31 1.60 -27.16 6.60
C TYR A 31 1.57 -28.33 5.60
N ASP A 32 1.36 -29.54 6.11
CA ASP A 32 1.28 -30.76 5.26
C ASP A 32 -0.10 -31.03 4.65
N VAL A 33 -1.12 -30.30 5.07
CA VAL A 33 -2.49 -30.47 4.58
C VAL A 33 -2.73 -29.75 3.24
N PHE A 34 -2.08 -28.60 3.05
CA PHE A 34 -2.24 -27.80 1.83
C PHE A 34 -0.92 -27.69 1.07
N PRO A 35 -0.98 -27.51 -0.25
CA PRO A 35 0.21 -27.35 -1.07
C PRO A 35 0.77 -25.92 -1.03
N GLY A 36 2.07 -25.78 -1.23
CA GLY A 36 2.72 -24.47 -1.24
C GLY A 36 4.23 -24.57 -1.30
N SER A 37 4.88 -23.46 -1.68
CA SER A 37 6.35 -23.39 -1.74
C SER A 37 6.98 -22.08 -1.25
N LYS A 38 6.18 -21.18 -0.68
CA LYS A 38 6.67 -19.93 -0.10
C LYS A 38 7.39 -20.20 1.21
N GLU A 39 8.41 -19.40 1.50
CA GLU A 39 9.18 -19.49 2.73
C GLU A 39 9.32 -18.11 3.37
N PRO A 40 9.62 -18.06 4.67
CA PRO A 40 9.85 -16.78 5.34
C PRO A 40 10.97 -16.00 4.66
N ALA A 41 10.86 -14.67 4.65
CA ALA A 41 11.81 -13.85 3.93
C ALA A 41 13.18 -13.89 4.61
N VAL A 42 14.24 -13.71 3.84
CA VAL A 42 15.57 -13.55 4.40
C VAL A 42 15.61 -12.31 5.31
N LEU A 43 16.21 -12.45 6.48
CA LEU A 43 16.35 -11.33 7.41
C LEU A 43 17.79 -11.14 7.92
N THR A 44 18.72 -11.98 7.46
CA THR A 44 20.14 -11.87 7.80
C THR A 44 21.04 -12.16 6.61
N ASP A 45 22.28 -11.67 6.72
CA ASP A 45 23.33 -11.97 5.75
C ASP A 45 23.78 -13.42 5.91
N ASN A 46 23.75 -13.90 7.16
CA ASN A 46 23.89 -15.32 7.50
C ASN A 46 22.61 -16.07 7.14
N ASP A 47 22.47 -16.51 5.90
CA ASP A 47 21.27 -17.26 5.55
C ASP A 47 21.60 -18.30 4.49
N PRO A 48 21.53 -19.57 4.89
CA PRO A 48 21.75 -20.70 3.97
C PRO A 48 21.08 -20.58 2.60
N ARG A 49 19.86 -20.04 2.58
CA ARG A 49 19.06 -19.97 1.35
C ARG A 49 19.61 -18.98 0.30
N LEU A 50 20.36 -17.97 0.76
CA LEU A 50 20.88 -16.92 -0.12
C LEU A 50 21.77 -17.44 -1.25
N LYS A 51 21.73 -16.75 -2.38
CA LYS A 51 22.64 -16.98 -3.50
C LYS A 51 23.17 -15.65 -4.08
N VAL A 52 22.87 -14.55 -3.38
CA VAL A 52 23.28 -13.20 -3.78
C VAL A 52 23.72 -12.49 -2.50
N ASN A 53 24.39 -11.34 -2.62
CA ASN A 53 24.71 -10.52 -1.44
C ASN A 53 23.45 -9.82 -0.92
N PHE A 54 23.26 -9.87 0.39
CA PHE A 54 22.03 -9.39 1.01
C PHE A 54 21.94 -7.86 1.06
N LYS A 55 23.02 -7.20 1.48
CA LYS A 55 23.03 -5.75 1.63
C LYS A 55 22.77 -5.03 0.31
N GLU A 56 23.37 -5.56 -0.77
CA GLU A 56 23.18 -5.00 -2.11
C GLU A 56 21.73 -5.12 -2.55
N ALA A 57 21.12 -6.26 -2.26
CA ALA A 57 19.74 -6.52 -2.65
C ALA A 57 18.76 -5.55 -2.00
N LEU A 58 18.98 -5.23 -0.72
CA LEU A 58 18.08 -4.36 0.01
C LEU A 58 18.08 -2.93 -0.53
N PHE A 59 19.25 -2.48 -1.02
CA PHE A 59 19.42 -1.09 -1.43
C PHE A 59 19.35 -0.88 -2.96
N SER A 60 19.21 -1.96 -3.73
CA SER A 60 19.03 -1.87 -5.20
C SER A 60 17.67 -1.27 -5.57
N LYS A 61 16.73 -1.28 -4.61
CA LYS A 61 15.50 -0.49 -4.68
C LYS A 61 15.78 0.95 -5.16
N TYR A 62 16.91 1.48 -4.71
CA TYR A 62 17.34 2.84 -5.07
C TYR A 62 18.40 2.81 -6.18
N LYS A 63 17.91 2.76 -7.42
CA LYS A 63 18.75 2.62 -8.61
C LYS A 63 19.31 3.94 -9.13
N GLY A 64 18.58 5.03 -8.95
CA GLY A 64 18.97 6.33 -9.44
C GLY A 64 17.81 6.96 -10.18
N ASN A 65 17.89 8.27 -10.40
CA ASN A 65 16.87 9.03 -11.09
C ASN A 65 17.30 9.41 -12.50
N THR A 66 16.38 9.33 -13.45
CA THR A 66 16.63 9.82 -14.81
C THR A 66 16.60 11.33 -14.84
N GLU A 67 17.16 11.91 -15.89
CA GLU A 67 17.09 13.35 -16.09
C GLU A 67 15.75 13.67 -16.75
N CYS A 68 14.88 14.35 -16.01
CA CYS A 68 13.66 14.89 -16.60
C CYS A 68 13.10 16.04 -15.78
N SER A 69 12.27 16.83 -16.46
CA SER A 69 11.74 18.06 -15.92
C SER A 69 10.20 18.05 -15.96
N LEU A 70 9.58 18.90 -15.15
CA LEU A 70 8.12 19.01 -15.12
C LEU A 70 7.61 19.56 -16.45
N ASN A 71 7.14 18.68 -17.33
CA ASN A 71 6.75 19.07 -18.70
C ASN A 71 5.29 19.50 -18.84
N GLN A 72 4.95 20.04 -20.00
CA GLN A 72 3.61 20.52 -20.33
C GLN A 72 2.49 19.53 -20.02
N HIS A 73 2.69 18.27 -20.40
CA HIS A 73 1.69 17.22 -20.19
C HIS A 73 1.39 16.99 -18.71
N MET A 74 2.42 17.02 -17.87
CA MET A 74 2.23 16.98 -16.42
C MET A 74 1.44 18.19 -15.94
N GLU A 75 1.74 19.37 -16.48
CA GLU A 75 1.01 20.59 -16.09
C GLU A 75 -0.49 20.47 -16.33
N ILE A 76 -0.89 19.91 -17.48
CA ILE A 76 -2.29 19.68 -17.81
C ILE A 76 -2.87 18.60 -16.87
N ALA A 77 -2.07 17.59 -16.57
CA ALA A 77 -2.48 16.51 -15.69
C ALA A 77 -2.78 17.02 -14.28
N ILE A 78 -1.92 17.88 -13.74
CA ILE A 78 -2.18 18.40 -12.41
C ILE A 78 -3.41 19.32 -12.40
N ALA A 79 -3.61 20.10 -13.45
CA ALA A 79 -4.76 21.01 -13.53
C ALA A 79 -6.05 20.21 -13.57
N HIS A 80 -6.05 19.13 -14.35
CA HIS A 80 -7.22 18.30 -14.50
C HIS A 80 -7.57 17.54 -13.23
N TYR A 81 -6.55 17.00 -12.55
CA TYR A 81 -6.79 16.22 -11.35
C TYR A 81 -7.21 17.17 -10.21
N SER A 82 -6.66 18.38 -10.23
CA SER A 82 -6.94 19.38 -9.18
C SER A 82 -8.38 19.85 -9.25
N ALA A 83 -8.91 19.99 -10.46
CA ALA A 83 -10.31 20.43 -10.65
C ALA A 83 -11.25 19.39 -10.06
N GLN A 84 -10.97 18.11 -10.34
CA GLN A 84 -11.74 17.03 -9.71
C GLN A 84 -11.74 17.20 -8.20
N LEU A 85 -10.57 17.43 -7.62
CA LEU A 85 -10.43 17.49 -6.17
C LEU A 85 -11.03 18.76 -5.54
N ILE A 86 -11.03 19.86 -6.29
CA ILE A 86 -11.67 21.11 -5.85
C ILE A 86 -13.20 20.93 -5.68
N THR A 87 -13.76 20.02 -6.46
CA THR A 87 -15.17 19.62 -6.38
C THR A 87 -15.64 19.13 -5.00
N LEU A 88 -14.71 18.58 -4.20
CA LEU A 88 -15.04 17.97 -2.91
C LEU A 88 -15.08 18.98 -1.76
N ASP A 89 -14.57 20.19 -1.99
CA ASP A 89 -14.60 21.26 -1.01
C ASP A 89 -13.96 20.78 0.30
N ILE A 90 -12.68 20.47 0.20
CA ILE A 90 -11.91 19.96 1.32
C ILE A 90 -11.52 21.13 2.21
N ASP A 91 -11.59 20.92 3.51
CA ASP A 91 -11.16 21.91 4.49
C ASP A 91 -9.63 21.87 4.60
N SER A 92 -8.95 22.91 4.14
CA SER A 92 -7.48 22.97 4.18
C SER A 92 -6.90 23.40 5.53
N LYS A 93 -7.77 23.79 6.45
CA LYS A 93 -7.37 24.06 7.83
C LYS A 93 -6.80 22.78 8.47
N PRO A 94 -5.85 22.92 9.38
CA PRO A 94 -5.35 21.77 10.14
C PRO A 94 -6.39 21.23 11.13
N ILE A 95 -6.23 19.99 11.55
CA ILE A 95 -7.03 19.44 12.65
C ILE A 95 -6.23 19.52 13.96
N ALA A 96 -6.91 19.21 15.06
CA ALA A 96 -6.34 19.32 16.40
C ALA A 96 -5.53 18.07 16.72
N LEU A 97 -4.58 18.21 17.65
CA LEU A 97 -3.72 17.10 18.07
C LEU A 97 -4.50 15.91 18.59
N GLU A 98 -5.55 16.18 19.37
CA GLU A 98 -6.36 15.11 19.95
C GLU A 98 -7.10 14.33 18.88
N ASP A 99 -7.55 15.01 17.83
CA ASP A 99 -8.29 14.37 16.74
C ASP A 99 -7.39 13.57 15.82
N SER A 100 -6.14 13.98 15.69
CA SER A 100 -5.14 13.24 14.93
C SER A 100 -4.74 11.95 15.68
N VAL A 101 -4.93 11.95 17.00
CA VAL A 101 -4.62 10.78 17.80
C VAL A 101 -5.82 9.84 17.87
N PHE A 102 -6.99 10.36 18.21
CA PHE A 102 -8.18 9.53 18.47
C PHE A 102 -9.18 9.47 17.31
N GLY A 103 -8.83 10.11 16.20
CA GLY A 103 -9.60 9.97 14.99
C GLY A 103 -10.76 10.93 14.87
N ILE A 104 -11.17 11.13 13.62
CA ILE A 104 -12.30 11.97 13.26
C ILE A 104 -13.12 11.20 12.22
N GLU A 105 -14.18 11.82 11.69
CA GLU A 105 -14.99 11.16 10.68
C GLU A 105 -14.19 11.06 9.38
N GLY A 106 -13.93 9.84 8.93
CA GLY A 106 -13.12 9.59 7.74
C GLY A 106 -11.67 9.20 8.04
N LEU A 107 -11.13 9.71 9.15
CA LEU A 107 -9.75 9.45 9.55
C LEU A 107 -9.74 8.65 10.83
N GLU A 108 -9.55 7.35 10.72
CA GLU A 108 -9.55 6.46 11.88
C GLU A 108 -8.46 6.82 12.89
N ALA A 109 -8.64 6.33 14.11
CA ALA A 109 -7.69 6.58 15.20
C ALA A 109 -6.31 6.01 14.87
N LEU A 110 -5.29 6.62 15.44
CA LEU A 110 -3.91 6.17 15.27
C LEU A 110 -3.77 4.75 15.81
N ASP A 111 -3.12 3.89 15.02
CA ASP A 111 -2.83 2.51 15.43
C ASP A 111 -1.81 2.57 16.56
N LEU A 112 -2.13 1.94 17.68
CA LEU A 112 -1.26 1.96 18.87
C LEU A 112 -0.32 0.76 18.96
N ASN A 113 -0.29 -0.08 17.92
CA ASN A 113 0.50 -1.30 17.89
C ASN A 113 1.71 -1.23 16.95
N THR A 114 1.66 -0.36 15.95
CA THR A 114 2.82 -0.08 15.11
C THR A 114 3.88 0.62 15.96
N SER A 115 5.15 0.53 15.57
CA SER A 115 6.22 1.14 16.34
C SER A 115 6.13 2.65 16.33
N ALA A 116 6.67 3.27 17.37
CA ALA A 116 6.67 4.72 17.51
C ALA A 116 7.86 5.35 16.79
N GLY A 117 8.79 4.53 16.33
CA GLY A 117 9.91 5.01 15.55
C GLY A 117 11.00 5.67 16.38
N PHE A 118 11.92 6.36 15.72
CA PHE A 118 13.01 7.05 16.39
C PHE A 118 12.45 8.25 17.15
N PRO A 119 12.94 8.55 18.37
CA PRO A 119 13.97 7.80 19.09
C PRO A 119 13.44 6.74 20.08
N TYR A 120 12.12 6.55 20.11
CA TYR A 120 11.44 5.74 21.12
C TYR A 120 11.84 4.27 21.08
N VAL A 121 12.11 3.76 19.89
CA VAL A 121 12.55 2.40 19.68
C VAL A 121 13.84 2.09 20.45
N THR A 122 14.71 3.10 20.60
CA THR A 122 15.99 2.92 21.29
C THR A 122 15.86 2.76 22.81
N MET A 123 14.75 3.23 23.39
CA MET A 123 14.57 3.23 24.84
C MET A 123 13.34 2.45 25.32
N GLY A 124 12.87 1.51 24.52
CA GLY A 124 11.72 0.69 24.88
C GLY A 124 10.37 1.39 24.98
N ILE A 125 10.31 2.68 24.64
CA ILE A 125 9.08 3.45 24.71
C ILE A 125 8.15 3.11 23.54
N LYS A 126 6.96 2.60 23.86
CA LYS A 126 5.94 2.25 22.89
C LYS A 126 4.82 3.31 22.85
N LYS A 127 3.98 3.24 21.81
CA LYS A 127 2.89 4.19 21.62
C LYS A 127 1.92 4.24 22.81
N ARG A 128 1.70 3.09 23.45
CA ARG A 128 0.80 3.02 24.60
C ARG A 128 1.37 3.74 25.84
N ASP A 129 2.69 3.92 25.90
CA ASP A 129 3.32 4.71 26.96
C ASP A 129 3.10 6.21 26.81
N LEU A 130 2.82 6.66 25.59
CA LEU A 130 2.61 8.08 25.28
C LEU A 130 1.13 8.45 25.25
N ILE A 131 0.30 7.51 24.82
CA ILE A 131 -1.13 7.72 24.61
C ILE A 131 -1.88 6.67 25.42
N ASN A 132 -2.73 7.13 26.35
CA ASN A 132 -3.58 6.25 27.14
C ASN A 132 -4.97 6.21 26.52
N ASN A 133 -5.42 5.02 26.11
CA ASN A 133 -6.66 4.89 25.34
C ASN A 133 -7.95 4.93 26.17
N LYS A 134 -7.88 4.52 27.45
CA LYS A 134 -9.04 4.57 28.35
C LYS A 134 -9.23 5.96 28.94
N THR A 135 -8.16 6.55 29.46
CA THR A 135 -8.17 7.93 29.96
C THR A 135 -8.26 8.97 28.83
N LYS A 136 -7.90 8.56 27.62
CA LYS A 136 -7.72 9.47 26.47
C LYS A 136 -6.73 10.61 26.81
N ASP A 137 -5.76 10.29 27.67
CA ASP A 137 -4.80 11.26 28.18
C ASP A 137 -3.51 11.14 27.37
N ILE A 138 -3.05 12.26 26.81
CA ILE A 138 -1.88 12.27 25.93
C ILE A 138 -0.83 13.27 26.40
N SER A 139 -0.63 13.34 27.71
CA SER A 139 0.33 14.28 28.30
C SER A 139 1.75 13.92 27.92
N ARG A 140 2.04 12.61 27.96
CA ARG A 140 3.37 12.09 27.64
C ARG A 140 3.72 12.32 26.18
N LEU A 141 2.73 12.23 25.30
CA LEU A 141 2.92 12.48 23.87
C LEU A 141 3.29 13.94 23.63
N LYS A 142 2.54 14.86 24.24
CA LYS A 142 2.81 16.30 24.14
C LYS A 142 4.22 16.64 24.63
N GLU A 143 4.61 16.02 25.74
CA GLU A 143 5.95 16.15 26.31
C GLU A 143 6.99 15.65 25.32
N ALA A 144 6.68 14.53 24.66
CA ALA A 144 7.60 13.88 23.73
C ALA A 144 7.74 14.63 22.41
N LEU A 145 6.73 15.42 22.03
CA LEU A 145 6.77 16.19 20.79
C LEU A 145 7.66 17.41 20.95
N ASP A 146 7.48 18.12 22.06
CA ASP A 146 8.30 19.30 22.37
C ASP A 146 9.76 18.90 22.55
N LYS A 147 9.99 17.82 23.29
CA LYS A 147 11.34 17.33 23.57
C LYS A 147 12.09 16.92 22.30
N TYR A 148 11.62 15.87 21.63
CA TYR A 148 12.37 15.28 20.52
C TYR A 148 12.15 15.99 19.17
N GLY A 149 11.07 16.77 19.07
CA GLY A 149 10.86 17.63 17.92
C GLY A 149 10.31 16.90 16.70
N VAL A 150 10.69 17.38 15.52
CA VAL A 150 10.10 16.97 14.26
C VAL A 150 11.21 16.73 13.21
N ASP A 151 10.87 16.09 12.10
CA ASP A 151 11.80 15.78 11.01
C ASP A 151 12.92 14.83 11.46
N LEU A 152 12.51 13.68 11.99
CA LEU A 152 13.41 12.67 12.50
C LEU A 152 13.66 11.60 11.44
N PRO A 153 14.77 10.88 11.55
CA PRO A 153 15.04 9.78 10.61
C PRO A 153 14.01 8.65 10.68
N MET A 154 13.69 8.10 9.52
CA MET A 154 12.80 6.96 9.40
C MET A 154 13.59 5.69 9.61
N ILE A 155 13.15 4.85 10.53
CA ILE A 155 13.82 3.58 10.76
C ILE A 155 13.35 2.59 9.73
N THR A 156 14.27 1.90 9.08
CA THR A 156 13.87 0.94 8.07
C THR A 156 13.92 -0.48 8.67
N PHE A 157 12.74 -1.10 8.76
CA PHE A 157 12.57 -2.46 9.25
C PHE A 157 12.45 -3.44 8.07
N LEU A 158 13.13 -4.57 8.16
CA LEU A 158 12.88 -5.67 7.23
C LEU A 158 11.48 -6.24 7.51
N LYS A 159 10.82 -6.70 6.44
CA LYS A 159 9.45 -7.20 6.54
C LYS A 159 9.42 -8.71 6.69
N ASP A 160 9.04 -9.16 7.88
CA ASP A 160 8.96 -10.58 8.22
C ASP A 160 7.65 -11.14 7.69
N GLU A 161 7.74 -11.81 6.54
CA GLU A 161 6.58 -12.33 5.81
C GLU A 161 6.97 -13.43 4.84
N LEU A 162 5.98 -14.18 4.37
CA LEU A 162 6.18 -15.20 3.35
C LEU A 162 6.54 -14.56 2.02
N ARG A 163 7.48 -15.17 1.31
CA ARG A 163 7.84 -14.79 -0.05
C ARG A 163 7.96 -16.02 -0.94
N LYS A 164 7.94 -15.81 -2.25
CA LYS A 164 8.18 -16.91 -3.19
C LYS A 164 9.64 -17.35 -3.11
N LYS A 165 9.91 -18.59 -3.50
CA LYS A 165 11.25 -19.17 -3.45
C LYS A 165 12.29 -18.33 -4.21
N GLU A 166 11.94 -17.88 -5.41
CA GLU A 166 12.85 -17.08 -6.24
C GLU A 166 13.37 -15.85 -5.50
N LYS A 167 12.50 -15.23 -4.72
CA LYS A 167 12.82 -14.02 -3.96
C LYS A 167 13.62 -14.28 -2.69
N ILE A 168 13.67 -15.53 -2.24
CA ILE A 168 14.51 -15.92 -1.12
C ILE A 168 15.98 -15.94 -1.55
N SER A 169 16.25 -16.63 -2.65
CA SER A 169 17.59 -16.71 -3.23
C SER A 169 18.15 -15.33 -3.55
N ALA A 170 17.35 -14.51 -4.24
CA ALA A 170 17.80 -13.20 -4.72
C ALA A 170 17.80 -12.10 -3.65
N GLY A 171 17.51 -12.45 -2.39
CA GLY A 171 17.57 -11.50 -1.30
C GLY A 171 16.50 -10.42 -1.36
N LYS A 172 15.44 -10.67 -2.12
CA LYS A 172 14.39 -9.69 -2.36
C LYS A 172 13.38 -9.69 -1.23
N THR A 173 13.81 -9.24 -0.07
CA THR A 173 12.90 -9.10 1.06
C THR A 173 12.60 -7.63 1.16
N ARG A 174 11.33 -7.32 1.41
CA ARG A 174 10.85 -5.96 1.32
C ARG A 174 11.18 -5.17 2.57
N VAL A 175 10.99 -3.85 2.46
CA VAL A 175 11.38 -2.93 3.50
C VAL A 175 10.24 -1.99 3.83
N ILE A 176 10.12 -1.65 5.11
CA ILE A 176 9.20 -0.60 5.55
C ILE A 176 10.01 0.49 6.26
N GLU A 177 9.70 1.73 5.92
CA GLU A 177 10.48 2.87 6.35
C GLU A 177 9.57 3.67 7.26
N ALA A 178 9.60 3.29 8.54
CA ALA A 178 8.65 3.78 9.55
C ALA A 178 9.06 5.14 10.13
N SER A 179 8.14 6.10 10.06
CA SER A 179 8.43 7.41 10.61
C SER A 179 8.12 7.44 12.10
N SER A 180 8.82 8.33 12.79
CA SER A 180 8.54 8.67 14.16
C SER A 180 7.07 9.05 14.32
N ILE A 181 6.47 8.72 15.45
CA ILE A 181 5.11 9.16 15.74
C ILE A 181 5.02 10.68 15.65
N ASN A 182 6.09 11.38 16.03
CA ASN A 182 6.13 12.84 15.98
C ASN A 182 5.83 13.38 14.59
N ASP A 183 6.38 12.72 13.56
CA ASP A 183 6.14 13.12 12.17
C ASP A 183 4.79 12.65 11.63
N THR A 184 4.34 11.44 11.98
CA THR A 184 3.02 11.00 11.49
C THR A 184 1.94 11.91 12.08
N ILE A 185 2.09 12.30 13.36
CA ILE A 185 1.21 13.27 14.00
C ILE A 185 1.20 14.60 13.26
N LEU A 186 2.37 15.05 12.81
CA LEU A 186 2.51 16.33 12.11
C LEU A 186 1.83 16.30 10.74
N PHE A 187 1.94 15.18 10.04
CA PHE A 187 1.31 15.02 8.72
C PHE A 187 -0.19 14.92 8.86
N ARG A 188 -0.66 14.25 9.92
CA ARG A 188 -2.09 14.12 10.18
C ARG A 188 -2.69 15.45 10.61
N THR A 189 -1.88 16.23 11.31
CA THR A 189 -2.29 17.53 11.79
C THR A 189 -2.53 18.48 10.60
N THR A 190 -1.63 18.45 9.62
CA THR A 190 -1.73 19.36 8.48
C THR A 190 -2.70 18.84 7.41
N PHE A 191 -2.60 17.55 7.07
CA PHE A 191 -3.37 16.95 5.95
C PHE A 191 -4.55 16.09 6.36
N GLY A 192 -4.93 16.12 7.63
CA GLY A 192 -5.95 15.24 8.12
C GLY A 192 -7.29 15.31 7.41
N ASN A 193 -7.72 16.51 7.02
CA ASN A 193 -9.01 16.68 6.33
C ASN A 193 -8.96 16.17 4.90
N LEU A 194 -7.78 16.20 4.29
CA LEU A 194 -7.55 15.60 2.98
C LEU A 194 -7.72 14.08 3.05
N PHE A 195 -7.02 13.47 4.00
CA PHE A 195 -7.08 12.02 4.16
C PHE A 195 -8.51 11.60 4.42
N SER A 196 -9.22 12.39 5.23
CA SER A 196 -10.59 12.08 5.61
C SER A 196 -11.50 12.05 4.38
N LYS A 197 -11.42 13.08 3.56
CA LYS A 197 -12.27 13.20 2.36
C LYS A 197 -12.02 12.07 1.39
N PHE A 198 -10.76 11.67 1.27
CA PHE A 198 -10.38 10.57 0.40
C PHE A 198 -11.03 9.27 0.87
N HIS A 199 -10.94 9.01 2.19
CA HIS A 199 -11.46 7.76 2.77
C HIS A 199 -12.99 7.63 2.67
N LEU A 200 -13.69 8.76 2.73
CA LEU A 200 -15.16 8.77 2.63
C LEU A 200 -15.68 8.75 1.20
N ASN A 201 -14.83 9.07 0.24
CA ASN A 201 -15.24 9.16 -1.15
C ASN A 201 -14.35 8.37 -2.07
N PRO A 202 -14.25 7.06 -1.85
CA PRO A 202 -13.47 6.20 -2.73
C PRO A 202 -14.18 6.16 -4.05
N GLY A 203 -13.45 6.26 -5.14
CA GLY A 203 -14.04 6.27 -6.46
C GLY A 203 -13.32 7.18 -7.42
N VAL A 204 -14.07 7.64 -8.42
CA VAL A 204 -13.52 8.21 -9.64
C VAL A 204 -13.31 9.74 -9.61
N VAL A 205 -13.72 10.40 -8.52
CA VAL A 205 -13.49 11.84 -8.31
C VAL A 205 -12.18 12.05 -7.52
N THR A 206 -12.03 11.31 -6.43
CA THR A 206 -10.73 11.23 -5.74
C THR A 206 -9.73 10.46 -6.55
N GLY A 207 -10.22 9.53 -7.36
CA GLY A 207 -9.37 8.60 -8.09
C GLY A 207 -8.69 7.56 -7.22
N SER A 208 -9.26 7.28 -6.04
CA SER A 208 -8.64 6.37 -5.08
C SER A 208 -9.59 5.30 -4.52
N ALA A 209 -9.00 4.19 -4.08
CA ALA A 209 -9.73 3.14 -3.40
C ALA A 209 -9.18 2.96 -1.98
N VAL A 210 -8.41 3.95 -1.50
CA VAL A 210 -7.79 3.86 -0.20
C VAL A 210 -8.87 3.91 0.87
N GLY A 211 -8.86 2.93 1.76
CA GLY A 211 -9.83 2.83 2.84
C GLY A 211 -11.09 2.06 2.45
N CYS A 212 -11.19 1.65 1.19
CA CYS A 212 -12.38 1.00 0.69
C CYS A 212 -12.59 -0.39 1.29
N ASP A 213 -13.84 -0.83 1.29
CA ASP A 213 -14.23 -2.18 1.67
C ASP A 213 -14.58 -2.89 0.38
N PRO A 214 -13.69 -3.76 -0.12
CA PRO A 214 -13.93 -4.43 -1.40
C PRO A 214 -15.24 -5.21 -1.46
N GLU A 215 -15.77 -5.63 -0.32
CA GLU A 215 -17.02 -6.38 -0.31
C GLU A 215 -18.21 -5.58 -0.84
N THR A 216 -18.24 -4.27 -0.59
CA THR A 216 -19.25 -3.39 -1.20
C THR A 216 -18.72 -2.62 -2.41
N PHE A 217 -17.48 -2.17 -2.33
CA PHE A 217 -16.88 -1.34 -3.36
C PHE A 217 -16.80 -2.01 -4.74
N TRP A 218 -16.68 -3.33 -4.77
CA TRP A 218 -16.53 -4.06 -6.03
C TRP A 218 -17.76 -3.93 -6.94
N SER A 219 -18.94 -3.85 -6.34
CA SER A 219 -20.17 -3.64 -7.09
C SER A 219 -20.20 -2.24 -7.73
N LYS A 220 -19.57 -1.27 -7.06
CA LYS A 220 -19.56 0.10 -7.54
C LYS A 220 -18.51 0.38 -8.61
N ILE A 221 -17.48 -0.45 -8.72
CA ILE A 221 -16.39 -0.20 -9.69
C ILE A 221 -16.85 -0.18 -11.16
N PRO A 222 -17.61 -1.18 -11.61
CA PRO A 222 -18.05 -1.20 -13.01
C PRO A 222 -19.04 -0.10 -13.41
N VAL A 223 -19.71 0.58 -12.48
CA VAL A 223 -20.56 1.73 -12.85
C VAL A 223 -19.74 3.03 -12.89
N MET A 224 -18.72 3.14 -12.04
CA MET A 224 -17.80 4.31 -12.06
C MET A 224 -16.90 4.28 -13.29
N LEU A 225 -16.30 3.11 -13.52
CA LEU A 225 -15.44 2.87 -14.68
C LEU A 225 -16.30 2.30 -15.81
N ASP A 226 -17.13 3.16 -16.40
CA ASP A 226 -17.81 2.80 -17.64
C ASP A 226 -16.91 3.21 -18.79
N GLY A 227 -17.31 2.89 -20.01
CA GLY A 227 -16.42 3.03 -21.15
C GLY A 227 -15.92 1.65 -21.46
N ASP A 228 -15.81 1.35 -22.76
CA ASP A 228 -15.54 0.00 -23.21
C ASP A 228 -14.18 -0.53 -22.76
N CYS A 229 -13.17 0.33 -22.79
CA CYS A 229 -11.80 -0.11 -22.54
C CYS A 229 -11.45 -0.11 -21.06
N ILE A 230 -11.40 -1.30 -20.47
CA ILE A 230 -10.87 -1.50 -19.11
C ILE A 230 -9.36 -1.73 -19.22
N MET A 231 -8.59 -1.02 -18.41
CA MET A 231 -7.15 -1.12 -18.45
C MET A 231 -6.57 -1.27 -17.04
N ALA A 232 -5.46 -1.98 -16.96
CA ALA A 232 -4.66 -2.07 -15.74
C ALA A 232 -3.26 -2.50 -16.13
N PHE A 233 -2.31 -2.28 -15.23
CA PHE A 233 -0.97 -2.84 -15.42
C PHE A 233 -0.12 -2.80 -14.15
N ASP A 234 1.00 -3.52 -14.21
CA ASP A 234 1.91 -3.60 -13.07
C ASP A 234 3.07 -2.62 -13.17
N TYR A 235 3.53 -2.18 -11.99
CA TYR A 235 4.74 -1.42 -11.85
C TYR A 235 5.79 -2.30 -11.21
N THR A 236 7.02 -2.25 -11.71
CA THR A 236 8.16 -2.87 -11.04
C THR A 236 8.82 -1.81 -10.16
N ASN A 237 8.74 -2.00 -8.84
CA ASN A 237 9.32 -1.10 -7.85
C ASN A 237 8.79 0.34 -7.98
N TYR A 238 7.48 0.48 -7.78
CA TYR A 238 6.81 1.78 -7.92
C TYR A 238 7.35 2.79 -6.93
N ASP A 239 7.31 2.44 -5.65
CA ASP A 239 7.75 3.30 -4.56
C ASP A 239 9.12 3.89 -4.84
N GLY A 240 10.12 3.05 -5.02
CA GLY A 240 11.49 3.50 -5.23
C GLY A 240 11.81 4.14 -6.59
N SER A 241 10.92 4.00 -7.57
CA SER A 241 11.15 4.51 -8.92
C SER A 241 10.55 5.89 -9.19
N ILE A 242 9.96 6.53 -8.19
CA ILE A 242 9.26 7.78 -8.42
C ILE A 242 10.21 8.98 -8.35
N HIS A 243 10.40 9.59 -9.52
CA HIS A 243 11.30 10.70 -9.71
C HIS A 243 10.83 11.90 -8.88
N PRO A 244 11.74 12.74 -8.42
CA PRO A 244 11.36 13.99 -7.73
C PRO A 244 10.26 14.79 -8.43
N VAL A 245 10.18 14.69 -9.75
CA VAL A 245 9.29 15.52 -10.55
C VAL A 245 7.82 15.26 -10.26
N TRP A 246 7.51 14.03 -9.85
CA TRP A 246 6.14 13.66 -9.48
C TRP A 246 5.79 14.24 -8.12
N PHE A 247 6.78 14.42 -7.25
CA PHE A 247 6.58 15.10 -5.97
C PHE A 247 6.31 16.59 -6.18
N GLN A 248 7.03 17.22 -7.11
CA GLN A 248 6.76 18.61 -7.48
C GLN A 248 5.34 18.72 -7.97
N ALA A 249 4.93 17.80 -8.83
CA ALA A 249 3.59 17.80 -9.38
C ALA A 249 2.56 17.66 -8.26
N LEU A 250 2.88 16.81 -7.28
CA LEU A 250 2.00 16.58 -6.14
C LEU A 250 1.84 17.83 -5.30
N LYS A 251 2.94 18.56 -5.08
CA LYS A 251 2.93 19.76 -4.26
C LYS A 251 2.00 20.82 -4.86
N LYS A 252 1.99 20.91 -6.19
CA LYS A 252 1.18 21.89 -6.91
C LYS A 252 -0.30 21.57 -6.78
N VAL A 253 -0.64 20.27 -6.77
CA VAL A 253 -2.02 19.84 -6.59
C VAL A 253 -2.50 20.22 -5.19
N LEU A 254 -1.62 20.05 -4.20
CA LEU A 254 -1.95 20.38 -2.81
C LEU A 254 -2.07 21.89 -2.63
N GLU A 255 -1.23 22.65 -3.33
CA GLU A 255 -1.28 24.11 -3.31
C GLU A 255 -2.56 24.62 -3.95
N ASN A 256 -3.05 23.91 -4.97
CA ASN A 256 -4.32 24.25 -5.60
C ASN A 256 -5.51 23.99 -4.68
N LEU A 257 -5.33 23.11 -3.68
CA LEU A 257 -6.35 22.88 -2.65
C LEU A 257 -6.14 23.76 -1.40
N SER A 258 -5.11 24.61 -1.43
CA SER A 258 -4.77 25.57 -0.36
C SER A 258 -4.06 24.97 0.86
N PHE A 259 -3.50 23.77 0.72
CA PHE A 259 -2.61 23.19 1.74
C PHE A 259 -1.18 23.70 1.50
N GLN A 260 -0.36 23.71 2.54
CA GLN A 260 1.08 23.94 2.38
C GLN A 260 1.74 22.68 1.83
N SER A 261 2.86 22.87 1.13
CA SER A 261 3.54 21.81 0.38
C SER A 261 4.82 21.29 1.03
N ASN A 262 5.37 22.06 1.95
CA ASN A 262 6.73 21.83 2.46
C ASN A 262 6.98 20.41 2.97
N LEU A 263 5.99 19.82 3.63
CA LEU A 263 6.15 18.49 4.22
C LEU A 263 6.41 17.36 3.19
N ILE A 264 5.91 17.50 1.96
CA ILE A 264 6.18 16.51 0.91
C ILE A 264 7.68 16.40 0.56
N ASP A 265 8.44 17.48 0.74
CA ASP A 265 9.90 17.43 0.57
C ASP A 265 10.60 16.45 1.53
N ARG A 266 9.95 16.12 2.65
CA ARG A 266 10.49 15.16 3.62
C ARG A 266 10.26 13.73 3.19
N LEU A 267 9.31 13.51 2.29
CA LEU A 267 9.12 12.20 1.65
C LEU A 267 10.02 12.08 0.43
N CYS A 268 10.19 13.15 -0.33
CA CYS A 268 11.00 13.12 -1.56
C CYS A 268 12.49 13.01 -1.24
N TYR A 269 12.98 13.94 -0.42
CA TYR A 269 14.36 13.95 0.06
C TYR A 269 14.38 13.50 1.52
N SER A 270 14.43 12.19 1.72
CA SER A 270 14.18 11.59 3.04
C SER A 270 15.43 11.12 3.77
N LYS A 271 15.28 10.98 5.09
CA LYS A 271 16.32 10.63 6.03
C LYS A 271 16.02 9.22 6.58
N HIS A 272 17.03 8.35 6.58
CA HIS A 272 16.83 6.95 6.95
C HIS A 272 17.92 6.44 7.89
N LEU A 273 17.55 5.43 8.66
CA LEU A 273 18.45 4.78 9.60
C LEU A 273 18.20 3.26 9.52
N PHE A 274 19.14 2.55 8.90
CA PHE A 274 19.16 1.08 8.90
C PHE A 274 20.41 0.57 9.60
N LYS A 275 20.23 -0.20 10.67
CA LYS A 275 21.33 -0.76 11.45
C LYS A 275 22.30 0.34 11.92
N SER A 276 23.51 0.38 11.38
CA SER A 276 24.49 1.38 11.78
C SER A 276 24.77 2.39 10.66
N THR A 277 23.80 2.54 9.75
CA THR A 277 23.97 3.38 8.56
C THR A 277 22.87 4.44 8.52
N TYR A 278 23.29 5.70 8.54
CA TYR A 278 22.39 6.82 8.24
C TYR A 278 22.49 7.09 6.74
N TYR A 279 21.36 7.17 6.07
CA TYR A 279 21.36 7.50 4.65
C TYR A 279 20.22 8.41 4.24
N GLU A 280 20.44 9.15 3.16
CA GLU A 280 19.47 10.08 2.61
C GLU A 280 19.22 9.71 1.15
N VAL A 281 17.95 9.69 0.72
CA VAL A 281 17.64 9.34 -0.67
C VAL A 281 16.79 10.41 -1.35
N ALA A 282 17.11 10.68 -2.62
CA ALA A 282 16.41 11.67 -3.43
C ALA A 282 15.52 10.92 -4.43
N GLY A 283 14.23 11.22 -4.43
CA GLY A 283 13.25 10.44 -5.17
C GLY A 283 12.80 9.24 -4.37
N GLY A 284 11.77 8.55 -4.86
CA GLY A 284 11.22 7.39 -4.19
C GLY A 284 10.30 7.78 -3.04
N VAL A 285 9.19 7.08 -2.91
CA VAL A 285 8.30 7.26 -1.77
C VAL A 285 8.75 6.27 -0.69
N PRO A 286 8.90 6.73 0.55
CA PRO A 286 9.26 5.80 1.63
C PRO A 286 8.14 4.77 1.83
N SER A 287 8.45 3.49 1.66
CA SER A 287 7.45 2.42 1.67
C SER A 287 6.77 2.20 3.03
N GLY A 288 5.52 2.66 3.15
CA GLY A 288 4.65 2.30 4.26
C GLY A 288 4.74 3.13 5.53
N CYS A 289 4.32 4.40 5.46
CA CYS A 289 4.36 5.28 6.64
C CYS A 289 3.46 6.54 6.53
N SER A 290 3.97 7.69 6.97
CA SER A 290 3.18 8.91 7.26
C SER A 290 2.25 9.43 6.15
N GLY A 291 1.06 8.83 6.03
CA GLY A 291 0.09 9.24 5.04
C GLY A 291 0.52 8.88 3.63
N THR A 292 1.25 7.77 3.52
CA THR A 292 1.93 7.41 2.30
C THR A 292 0.96 6.91 1.24
N SER A 293 -0.05 6.17 1.66
CA SER A 293 -1.01 5.57 0.73
C SER A 293 -1.77 6.61 -0.10
N ILE A 294 -2.13 7.73 0.52
CA ILE A 294 -2.92 8.74 -0.15
C ILE A 294 -2.07 9.50 -1.17
N PHE A 295 -0.84 9.84 -0.80
CA PHE A 295 0.03 10.59 -1.69
C PHE A 295 0.49 9.74 -2.88
N ASN A 296 0.70 8.45 -2.65
CA ASN A 296 1.02 7.52 -3.72
C ASN A 296 -0.09 7.42 -4.73
N THR A 297 -1.33 7.48 -4.24
CA THR A 297 -2.51 7.40 -5.08
C THR A 297 -2.67 8.65 -5.92
N MET A 298 -2.37 9.79 -5.32
CA MET A 298 -2.46 11.07 -5.99
C MET A 298 -1.40 11.14 -7.07
N ILE A 299 -0.19 10.67 -6.76
CA ILE A 299 0.88 10.61 -7.76
C ILE A 299 0.50 9.68 -8.91
N ASN A 300 -0.11 8.54 -8.62
CA ASN A 300 -0.50 7.61 -9.69
C ASN A 300 -1.52 8.29 -10.61
N ASN A 301 -2.43 9.07 -10.03
CA ASN A 301 -3.41 9.81 -10.81
C ASN A 301 -2.73 10.80 -11.77
N ILE A 302 -1.67 11.45 -11.31
CA ILE A 302 -0.89 12.36 -12.16
C ILE A 302 -0.13 11.57 -13.21
N ILE A 303 0.41 10.42 -12.84
CA ILE A 303 1.19 9.59 -13.77
C ILE A 303 0.31 9.05 -14.91
N ILE A 304 -0.84 8.48 -14.59
CA ILE A 304 -1.69 7.88 -15.62
C ILE A 304 -2.10 8.93 -16.65
N ARG A 305 -2.63 10.06 -16.18
CA ARG A 305 -2.99 11.15 -17.06
C ARG A 305 -1.83 11.54 -17.96
N THR A 306 -0.66 11.74 -17.35
CA THR A 306 0.54 12.18 -18.06
C THR A 306 1.00 11.20 -19.15
N LEU A 307 0.95 9.90 -18.84
CA LEU A 307 1.41 8.87 -19.77
C LEU A 307 0.46 8.77 -20.96
N VAL A 308 -0.83 8.92 -20.70
CA VAL A 308 -1.84 8.83 -21.74
C VAL A 308 -1.70 10.04 -22.68
N LEU A 309 -1.42 11.21 -22.12
CA LEU A 309 -1.15 12.42 -22.89
C LEU A 309 0.07 12.22 -23.77
N ASP A 310 1.12 11.59 -23.23
CA ASP A 310 2.37 11.35 -23.97
C ASP A 310 2.14 10.41 -25.16
N ALA A 311 1.21 9.47 -24.99
CA ALA A 311 0.96 8.41 -25.97
C ALA A 311 -0.08 8.80 -27.02
N TYR A 312 -1.04 9.64 -26.64
CA TYR A 312 -2.18 9.97 -27.50
C TYR A 312 -2.34 11.48 -27.57
N LYS A 313 -2.13 12.03 -28.76
CA LYS A 313 -2.22 13.47 -29.00
C LYS A 313 -3.65 14.00 -28.77
N ASN A 314 -4.65 13.19 -29.11
CA ASN A 314 -6.05 13.53 -28.83
C ASN A 314 -6.64 12.63 -27.75
N ILE A 315 -6.93 13.22 -26.59
CA ILE A 315 -7.58 12.51 -25.50
C ILE A 315 -8.44 13.47 -24.68
N ASP A 316 -9.60 12.98 -24.27
CA ASP A 316 -10.46 13.70 -23.35
C ASP A 316 -10.24 13.13 -21.96
N LEU A 317 -9.46 13.84 -21.15
CA LEU A 317 -9.15 13.41 -19.80
C LEU A 317 -10.38 13.26 -18.90
N ASP A 318 -11.47 13.93 -19.24
CA ASP A 318 -12.73 13.81 -18.48
C ASP A 318 -13.34 12.41 -18.60
N LYS A 319 -13.03 11.72 -19.70
CA LYS A 319 -13.52 10.37 -19.93
C LYS A 319 -12.45 9.30 -19.61
N LEU A 320 -11.33 9.73 -19.04
CA LEU A 320 -10.28 8.81 -18.57
C LEU A 320 -10.47 8.56 -17.07
N LYS A 321 -11.27 7.55 -16.75
CA LYS A 321 -11.69 7.32 -15.38
C LYS A 321 -10.70 6.39 -14.68
N ILE A 322 -10.29 6.78 -13.49
CA ILE A 322 -9.14 6.19 -12.81
C ILE A 322 -9.45 5.89 -11.34
N ILE A 323 -9.07 4.69 -10.91
CA ILE A 323 -9.12 4.31 -9.50
C ILE A 323 -7.78 3.66 -9.12
N ALA A 324 -7.13 4.22 -8.12
CA ALA A 324 -5.80 3.78 -7.74
C ALA A 324 -5.71 3.58 -6.23
N TYR A 325 -4.87 2.65 -5.82
CA TYR A 325 -4.51 2.43 -4.43
C TYR A 325 -3.00 2.28 -4.41
N GLY A 326 -2.33 3.37 -4.09
CA GLY A 326 -0.90 3.47 -4.31
C GLY A 326 -0.53 3.13 -5.74
N ASP A 327 0.32 2.13 -5.89
CA ASP A 327 0.77 1.66 -7.20
C ASP A 327 -0.27 0.81 -7.94
N ASP A 328 -1.19 0.19 -7.21
CA ASP A 328 -2.30 -0.53 -7.84
C ASP A 328 -3.20 0.46 -8.57
N VAL A 329 -3.57 0.12 -9.78
CA VAL A 329 -4.46 0.97 -10.57
C VAL A 329 -5.32 0.18 -11.55
N ILE A 330 -6.58 0.60 -11.64
CA ILE A 330 -7.49 0.15 -12.68
C ILE A 330 -8.11 1.41 -13.27
N PHE A 331 -8.28 1.45 -14.60
CA PHE A 331 -8.81 2.64 -15.27
C PHE A 331 -9.55 2.33 -16.58
N SER A 332 -10.25 3.32 -17.12
CA SER A 332 -11.00 3.15 -18.36
C SER A 332 -10.99 4.38 -19.26
N TYR A 333 -11.22 4.15 -20.56
CA TYR A 333 -11.47 5.21 -21.51
C TYR A 333 -12.71 4.88 -22.35
N LYS A 334 -13.21 5.89 -23.06
CA LYS A 334 -14.43 5.74 -23.87
C LYS A 334 -14.25 4.87 -25.13
N TYR A 335 -13.02 4.71 -25.60
CA TYR A 335 -12.72 3.72 -26.64
C TYR A 335 -11.36 3.06 -26.42
N THR A 336 -11.05 2.08 -27.24
CA THR A 336 -9.87 1.25 -27.03
C THR A 336 -8.56 2.02 -27.15
N LEU A 337 -7.81 2.04 -26.05
CA LEU A 337 -6.43 2.52 -26.01
C LEU A 337 -5.49 1.33 -25.93
N ASP A 338 -4.22 1.57 -26.21
CA ASP A 338 -3.20 0.53 -26.24
C ASP A 338 -2.37 0.63 -24.97
N MET A 339 -2.57 -0.33 -24.07
CA MET A 339 -1.87 -0.36 -22.79
C MET A 339 -0.36 -0.35 -22.99
N GLU A 340 0.12 -1.08 -24.00
CA GLU A 340 1.55 -1.14 -24.30
C GLU A 340 2.16 0.21 -24.71
N ALA A 341 1.40 1.01 -25.46
CA ALA A 341 1.86 2.34 -25.86
C ALA A 341 2.00 3.28 -24.65
N ILE A 342 1.05 3.18 -23.73
CA ILE A 342 1.03 4.01 -22.53
C ILE A 342 2.19 3.57 -21.64
N ALA A 343 2.38 2.27 -21.52
CA ALA A 343 3.47 1.71 -20.71
C ALA A 343 4.83 2.22 -21.17
N ASN A 344 5.06 2.25 -22.48
CA ASN A 344 6.33 2.70 -23.04
C ASN A 344 6.70 4.14 -22.68
N GLU A 345 5.70 4.99 -22.46
CA GLU A 345 5.93 6.38 -22.06
C GLU A 345 6.51 6.54 -20.65
N GLY A 346 6.46 5.50 -19.82
CA GLY A 346 7.01 5.53 -18.48
C GLY A 346 8.52 5.50 -18.43
N LYS A 347 9.15 4.89 -19.43
CA LYS A 347 10.59 4.67 -19.45
C LYS A 347 11.43 5.94 -19.32
N LYS A 348 11.01 7.02 -20.00
CA LYS A 348 11.76 8.28 -19.95
C LYS A 348 11.75 8.92 -18.55
N TYR A 349 10.72 8.60 -17.77
CA TYR A 349 10.57 9.11 -16.41
C TYR A 349 11.19 8.20 -15.35
N GLY A 350 11.68 7.04 -15.77
CA GLY A 350 12.29 6.07 -14.85
C GLY A 350 11.29 5.08 -14.30
N LEU A 351 10.11 5.00 -14.90
CA LEU A 351 9.08 4.04 -14.50
C LEU A 351 9.15 2.80 -15.37
N THR A 352 9.18 1.63 -14.73
CA THR A 352 9.12 0.35 -15.44
C THR A 352 7.76 -0.26 -15.25
N ILE A 353 7.00 -0.37 -16.33
CA ILE A 353 5.65 -0.93 -16.23
C ILE A 353 5.45 -2.05 -17.27
N THR A 354 4.83 -3.14 -16.81
CA THR A 354 4.69 -4.38 -17.57
C THR A 354 3.23 -4.82 -17.57
N PRO A 355 2.89 -5.85 -18.35
CA PRO A 355 1.52 -6.35 -18.39
C PRO A 355 0.97 -6.77 -17.02
N ALA A 356 -0.33 -6.62 -16.82
CA ALA A 356 -0.97 -6.88 -15.54
C ALA A 356 -0.90 -8.36 -15.15
N ASP A 357 -0.70 -8.62 -13.87
CA ASP A 357 -0.68 -9.97 -13.28
C ASP A 357 0.36 -10.91 -13.90
N LYS A 358 1.62 -10.47 -13.86
CA LYS A 358 2.76 -11.26 -14.32
C LYS A 358 2.63 -11.74 -15.78
N SER A 359 1.66 -11.20 -16.51
CA SER A 359 1.35 -11.68 -17.87
C SER A 359 2.52 -11.43 -18.81
N THR A 360 2.66 -12.32 -19.79
CA THR A 360 3.83 -12.28 -20.67
C THR A 360 3.80 -11.10 -21.66
N GLU A 361 2.65 -10.85 -22.26
CA GLU A 361 2.44 -9.63 -23.08
C GLU A 361 1.15 -8.93 -22.72
N PHE A 362 1.00 -7.71 -23.22
CA PHE A 362 -0.20 -6.90 -22.98
C PHE A 362 -1.37 -7.51 -23.73
N LYS A 363 -2.41 -7.86 -22.97
CA LYS A 363 -3.59 -8.50 -23.52
C LYS A 363 -4.79 -7.63 -23.18
N LYS A 364 -5.84 -7.72 -24.01
CA LYS A 364 -7.08 -7.00 -23.76
C LYS A 364 -7.69 -7.43 -22.43
N LEU A 365 -8.29 -6.49 -21.71
CA LEU A 365 -8.89 -6.77 -20.42
C LEU A 365 -10.37 -6.40 -20.40
N ASP A 366 -11.16 -7.24 -19.73
CA ASP A 366 -12.53 -6.92 -19.33
C ASP A 366 -12.71 -7.38 -17.87
N TYR A 367 -13.95 -7.49 -17.39
CA TYR A 367 -14.22 -7.85 -16.00
C TYR A 367 -14.09 -9.35 -15.66
N ASN A 368 -13.87 -10.20 -16.65
CA ASN A 368 -13.59 -11.64 -16.41
C ASN A 368 -12.13 -11.96 -16.14
N ASN A 369 -11.23 -11.03 -16.44
CA ASN A 369 -9.79 -11.26 -16.27
C ASN A 369 -9.01 -10.10 -15.61
N VAL A 370 -9.67 -8.98 -15.35
CA VAL A 370 -9.02 -7.83 -14.71
C VAL A 370 -8.93 -8.01 -13.19
N THR A 371 -7.84 -7.50 -12.63
CA THR A 371 -7.52 -7.65 -11.23
C THR A 371 -7.23 -6.28 -10.60
N PHE A 372 -7.64 -6.12 -9.34
CA PHE A 372 -7.40 -4.91 -8.57
C PHE A 372 -7.31 -5.28 -7.09
N LEU A 373 -6.24 -4.85 -6.43
CA LEU A 373 -5.94 -5.25 -5.05
C LEU A 373 -5.90 -6.78 -4.96
N LYS A 374 -5.34 -7.40 -6.00
CA LYS A 374 -5.20 -8.85 -6.15
C LYS A 374 -6.52 -9.60 -6.40
N ARG A 375 -7.62 -8.87 -6.61
CA ARG A 375 -8.95 -9.49 -6.65
C ARG A 375 -9.61 -9.39 -8.00
N GLY A 376 -10.11 -10.53 -8.49
CA GLY A 376 -10.95 -10.56 -9.68
C GLY A 376 -12.37 -10.11 -9.39
N PHE A 377 -13.20 -10.18 -10.43
CA PHE A 377 -14.59 -9.73 -10.36
C PHE A 377 -15.49 -10.87 -10.83
N LYS A 378 -16.51 -11.18 -10.04
CA LYS A 378 -17.40 -12.30 -10.35
C LYS A 378 -18.78 -11.96 -9.86
N GLN A 379 -19.74 -11.90 -10.78
CA GLN A 379 -21.09 -11.46 -10.41
C GLN A 379 -21.82 -12.57 -9.65
N ASP A 380 -22.74 -12.15 -8.77
CA ASP A 380 -23.70 -13.06 -8.16
C ASP A 380 -24.61 -13.59 -9.28
N GLU A 381 -24.88 -14.88 -9.27
CA GLU A 381 -25.66 -15.51 -10.36
C GLU A 381 -27.14 -15.14 -10.31
N LYS A 382 -27.64 -14.70 -9.16
CA LYS A 382 -29.04 -14.30 -9.00
C LYS A 382 -29.18 -12.79 -9.19
N HIS A 383 -28.44 -12.03 -8.39
CA HIS A 383 -28.44 -10.58 -8.46
C HIS A 383 -27.11 -10.11 -9.08
N THR A 384 -27.09 -9.97 -10.41
CA THR A 384 -25.84 -9.73 -11.16
C THR A 384 -25.22 -8.34 -10.97
N PHE A 385 -25.92 -7.45 -10.28
CA PHE A 385 -25.36 -6.14 -9.92
C PHE A 385 -24.50 -6.21 -8.64
N LEU A 386 -24.54 -7.34 -7.95
CA LEU A 386 -23.71 -7.59 -6.77
C LEU A 386 -22.46 -8.37 -7.17
N ILE A 387 -21.29 -7.72 -7.08
CA ILE A 387 -20.05 -8.33 -7.58
C ILE A 387 -19.13 -8.81 -6.45
N HIS A 388 -18.81 -10.10 -6.47
CA HIS A 388 -17.86 -10.70 -5.55
C HIS A 388 -16.44 -10.25 -5.88
N PRO A 389 -15.69 -9.80 -4.88
CA PRO A 389 -14.23 -9.75 -5.00
C PRO A 389 -13.63 -11.15 -4.86
N THR A 390 -13.00 -11.61 -5.93
CA THR A 390 -12.41 -12.94 -6.04
C THR A 390 -10.95 -12.90 -5.59
N PHE A 391 -10.61 -13.57 -4.49
CA PHE A 391 -9.23 -13.63 -4.02
C PHE A 391 -8.55 -14.90 -4.53
N PRO A 392 -7.27 -14.83 -4.92
CA PRO A 392 -6.59 -15.99 -5.48
C PRO A 392 -6.39 -17.13 -4.48
N VAL A 393 -6.91 -18.27 -4.91
CA VAL A 393 -6.98 -19.50 -4.14
C VAL A 393 -5.59 -19.95 -3.68
N GLU A 394 -4.60 -19.84 -4.56
CA GLU A 394 -3.23 -20.24 -4.25
C GLU A 394 -2.64 -19.45 -3.07
N GLU A 395 -2.93 -18.16 -2.97
CA GLU A 395 -2.40 -17.34 -1.87
C GLU A 395 -2.97 -17.73 -0.49
N ILE A 396 -4.24 -18.13 -0.47
CA ILE A 396 -4.89 -18.62 0.74
C ILE A 396 -4.21 -19.89 1.27
N TYR A 397 -3.99 -20.87 0.39
CA TYR A 397 -3.34 -22.14 0.78
C TYR A 397 -1.92 -21.89 1.30
N GLU A 398 -1.22 -21.00 0.62
CA GLU A 398 0.12 -20.58 0.98
C GLU A 398 0.15 -19.98 2.39
N SER A 399 -0.83 -19.11 2.69
CA SER A 399 -0.83 -18.37 3.96
C SER A 399 -1.12 -19.26 5.19
N ILE A 400 -2.05 -20.19 5.04
CA ILE A 400 -2.49 -21.06 6.15
C ILE A 400 -1.41 -22.06 6.59
N ARG A 401 -0.38 -22.27 5.77
CA ARG A 401 0.66 -23.25 6.08
C ARG A 401 1.68 -22.73 7.09
N TRP A 402 1.59 -21.44 7.44
CA TRP A 402 2.53 -20.80 8.36
C TRP A 402 1.81 -19.98 9.42
N THR A 403 2.52 -19.68 10.50
CA THR A 403 1.94 -18.93 11.61
C THR A 403 3.02 -18.28 12.47
N LYS A 404 2.71 -17.08 12.95
CA LYS A 404 3.59 -16.36 13.89
C LYS A 404 3.19 -16.63 15.33
N LYS A 405 1.95 -17.05 15.53
CA LYS A 405 1.34 -17.19 16.85
C LYS A 405 0.30 -18.33 16.79
N PRO A 406 0.71 -19.57 17.03
CA PRO A 406 -0.19 -20.74 16.90
C PRO A 406 -1.52 -20.71 17.70
N SER A 407 -1.57 -19.91 18.77
CA SER A 407 -2.79 -19.74 19.57
C SER A 407 -3.88 -18.92 18.86
N GLN A 408 -3.52 -18.31 17.74
CA GLN A 408 -4.44 -17.48 16.97
C GLN A 408 -4.74 -18.06 15.59
N MET A 409 -4.72 -19.39 15.48
CA MET A 409 -5.09 -20.07 14.23
C MET A 409 -6.56 -19.81 13.90
N GLN A 410 -7.40 -19.66 14.92
CA GLN A 410 -8.84 -19.39 14.73
C GLN A 410 -9.08 -18.07 13.98
N GLU A 411 -8.36 -17.03 14.38
CA GLU A 411 -8.47 -15.72 13.75
C GLU A 411 -7.88 -15.72 12.33
N HIS A 412 -6.73 -16.36 12.16
CA HIS A 412 -6.09 -16.55 10.86
C HIS A 412 -7.05 -17.28 9.89
N VAL A 413 -7.65 -18.37 10.33
CA VAL A 413 -8.59 -19.15 9.51
C VAL A 413 -9.85 -18.36 9.17
N LEU A 414 -10.33 -17.55 10.10
CA LEU A 414 -11.51 -16.71 9.86
C LEU A 414 -11.20 -15.68 8.77
N SER A 415 -10.01 -15.11 8.80
CA SER A 415 -9.57 -14.17 7.76
C SER A 415 -9.63 -14.82 6.39
N LEU A 416 -9.13 -16.04 6.30
CA LEU A 416 -9.06 -16.75 5.03
C LEU A 416 -10.42 -17.17 4.53
N CYS A 417 -11.36 -17.42 5.45
CA CYS A 417 -12.72 -17.80 5.10
C CYS A 417 -13.47 -16.65 4.45
N HIS A 418 -13.31 -15.45 5.00
CA HIS A 418 -13.96 -14.26 4.46
C HIS A 418 -13.47 -13.95 3.05
N LEU A 419 -12.20 -14.26 2.80
CA LEU A 419 -11.59 -14.15 1.47
C LEU A 419 -12.11 -15.23 0.51
N MET A 420 -12.18 -16.47 0.99
CA MET A 420 -12.34 -17.65 0.12
C MET A 420 -13.77 -17.87 -0.39
N TRP A 421 -14.77 -17.68 0.46
CA TRP A 421 -16.14 -18.01 0.07
C TRP A 421 -16.62 -17.25 -1.17
N HIS A 422 -16.00 -16.10 -1.46
CA HIS A 422 -16.35 -15.31 -2.64
C HIS A 422 -16.06 -16.05 -3.94
N ASN A 423 -15.00 -16.84 -3.95
CA ASN A 423 -14.65 -17.67 -5.11
C ASN A 423 -15.71 -18.72 -5.49
N GLY A 424 -16.56 -19.12 -4.54
CA GLY A 424 -17.60 -20.10 -4.84
C GLY A 424 -17.89 -21.11 -3.73
N ARG A 425 -19.11 -21.65 -3.77
CA ARG A 425 -19.60 -22.61 -2.78
C ARG A 425 -18.77 -23.89 -2.69
N LYS A 426 -18.60 -24.55 -3.82
CA LYS A 426 -17.89 -25.83 -3.88
C LYS A 426 -16.45 -25.67 -3.39
N VAL A 427 -15.81 -24.59 -3.81
CA VAL A 427 -14.42 -24.33 -3.44
C VAL A 427 -14.28 -24.07 -1.94
N TYR A 428 -15.26 -23.38 -1.37
CA TYR A 428 -15.29 -23.10 0.06
C TYR A 428 -15.49 -24.37 0.88
N GLU A 429 -16.36 -25.28 0.44
CA GLU A 429 -16.57 -26.54 1.16
C GLU A 429 -15.39 -27.48 1.02
N ASP A 430 -14.58 -27.26 -0.01
CA ASP A 430 -13.35 -28.02 -0.21
C ASP A 430 -12.27 -27.57 0.77
N PHE A 431 -12.17 -26.25 0.95
CA PHE A 431 -11.26 -25.60 1.88
C PHE A 431 -11.58 -26.05 3.31
N SER A 432 -12.88 -26.03 3.65
CA SER A 432 -13.37 -26.38 4.97
C SER A 432 -13.07 -27.82 5.34
N SER A 433 -13.34 -28.74 4.42
CA SER A 433 -13.08 -30.16 4.61
C SER A 433 -11.59 -30.46 4.81
N LYS A 434 -10.71 -29.78 4.08
CA LYS A 434 -9.27 -30.02 4.21
C LYS A 434 -8.78 -29.50 5.56
N ILE A 435 -9.31 -28.38 6.01
CA ILE A 435 -8.97 -27.87 7.34
C ILE A 435 -9.38 -28.91 8.38
N ARG A 436 -10.56 -29.50 8.18
CA ARG A 436 -11.14 -30.45 9.13
C ARG A 436 -10.69 -31.90 8.92
N SER A 437 -9.69 -32.11 8.08
CA SER A 437 -9.09 -33.43 7.89
C SER A 437 -8.04 -33.75 8.96
N VAL A 438 -7.85 -32.82 9.89
CA VAL A 438 -6.82 -32.92 10.92
C VAL A 438 -7.40 -32.40 12.25
N SER A 439 -6.99 -32.99 13.37
CA SER A 439 -7.52 -32.68 14.71
C SER A 439 -7.67 -31.19 15.00
N ALA A 440 -6.57 -30.46 14.86
CA ALA A 440 -6.53 -29.04 15.17
C ALA A 440 -7.56 -28.25 14.36
N GLY A 441 -7.81 -28.69 13.14
CA GLY A 441 -8.82 -28.09 12.27
C GLY A 441 -10.26 -28.38 12.65
N ARG A 442 -10.54 -29.60 13.10
CA ARG A 442 -11.88 -29.97 13.57
C ARG A 442 -12.29 -29.13 14.76
N ALA A 443 -11.32 -28.77 15.59
CA ALA A 443 -11.58 -27.97 16.77
C ALA A 443 -12.01 -26.54 16.44
N LEU A 444 -11.60 -26.03 15.28
CA LEU A 444 -11.89 -24.63 14.92
C LEU A 444 -13.31 -24.47 14.38
N TYR A 445 -13.89 -23.31 14.65
CA TYR A 445 -15.16 -22.92 14.06
C TYR A 445 -14.94 -22.41 12.62
N ILE A 446 -15.77 -22.90 11.70
CA ILE A 446 -15.73 -22.52 10.29
C ILE A 446 -17.12 -21.99 9.91
N PRO A 447 -17.24 -20.71 9.56
CA PRO A 447 -18.56 -20.15 9.22
C PRO A 447 -19.19 -20.90 8.05
N PRO A 448 -20.43 -21.34 8.20
CA PRO A 448 -21.15 -21.91 7.05
C PRO A 448 -21.18 -20.92 5.87
N TYR A 449 -21.24 -21.45 4.66
CA TYR A 449 -21.33 -20.62 3.48
C TYR A 449 -22.51 -19.65 3.58
N ASP A 450 -23.69 -20.17 3.93
CA ASP A 450 -24.92 -19.36 3.98
C ASP A 450 -24.88 -18.27 5.01
N LEU A 451 -24.08 -18.44 6.06
CA LEU A 451 -23.86 -17.38 7.04
C LEU A 451 -23.17 -16.20 6.36
N LEU A 452 -22.04 -16.49 5.69
CA LEU A 452 -21.26 -15.49 4.95
C LEU A 452 -22.06 -14.81 3.84
N LYS A 453 -22.87 -15.59 3.12
CA LYS A 453 -23.62 -15.08 1.98
C LYS A 453 -24.64 -14.07 2.47
N HIS A 454 -25.29 -14.34 3.60
CA HIS A 454 -26.30 -13.40 4.07
C HIS A 454 -25.73 -12.24 4.85
N GLU A 455 -24.59 -12.42 5.51
CA GLU A 455 -23.88 -11.29 6.12
C GLU A 455 -23.51 -10.28 5.03
N TRP A 456 -23.22 -10.80 3.83
CA TRP A 456 -22.84 -10.02 2.66
C TRP A 456 -24.03 -9.24 2.07
N TYR A 457 -25.16 -9.92 1.89
CA TYR A 457 -26.41 -9.30 1.42
C TYR A 457 -26.93 -8.25 2.40
N GLU A 458 -26.92 -8.61 3.70
CA GLU A 458 -27.35 -7.73 4.79
C GLU A 458 -26.33 -6.58 4.99
N LYS A 459 -25.49 -6.34 3.99
CA LYS A 459 -24.45 -5.30 3.98
C LYS A 459 -24.70 -4.23 2.91
N PHE A 460 -25.43 -4.58 1.85
CA PHE A 460 -25.82 -3.63 0.81
C PHE A 460 -27.07 -2.85 1.23
#